data_9CFN
#
_entry.id   9CFN
#
_cell.length_a   107.637
_cell.length_b   42.392
_cell.length_c   84.491
_cell.angle_alpha   90.000
_cell.angle_beta   103.620
_cell.angle_gamma   90.000
#
_symmetry.space_group_name_H-M   'C 1 2 1'
#
loop_
_entity.id
_entity.type
_entity.pdbx_description
1 polymer 'RNA (59-MER)'
2 non-polymer 'IRIDIUM HEXAMMINE ION'
3 non-polymer 'MAGNESIUM ION'
#
_entity_poly.entity_id   1
_entity_poly.type   'polyribonucleotide'
_entity_poly.pdbx_seq_one_letter_code
;AAGUACCCUCCAAGCCCUACAGGUUGGAAGAGGGGGCUAUCAGUCCUGUAGGCAGACUC
;
_entity_poly.pdbx_strand_id   A,B
#